data_2AEO
#
_entry.id   2AEO
#
_cell.length_a   47.207
_cell.length_b   50.920
_cell.length_c   146.738
_cell.angle_alpha   90.00
_cell.angle_beta   90.00
_cell.angle_gamma   90.00
#
_symmetry.space_group_name_H-M   'P 21 21 21'
#
loop_
_entity.id
_entity.type
_entity.pdbx_description
1 polymer 'Superoxide dismutase [Cu-Zn]'
2 non-polymer 'COPPER (II) ION'
3 non-polymer 'ZINC ION'
4 non-polymer Cisplatin
5 water water
#
_entity_poly.entity_id   1
_entity_poly.type   'polypeptide(L)'
_entity_poly.pdbx_seq_one_letter_code
;ATKAVCVLKGDGPVQGTIHFEAKGDTVVVTGSITGLTEGDHGFHVHQFGDNTQGCTSAGPHFNPLSKKHGGPKDEERHVG
DLGNVTADKNGVAIVDIVDPLISLSGEYSIIGRTMVVHEKPDDLGRGGNEESTKTGNAGSRLACGVIGIAK
;
_entity_poly.pdbx_strand_id   A,B
#
# COMPACT_ATOMS: atom_id res chain seq x y z
N ALA A 1 -1.61 -1.52 14.66
CA ALA A 1 -1.13 -2.55 13.66
C ALA A 1 0.22 -3.06 14.17
N THR A 2 0.34 -4.36 14.37
CA THR A 2 1.61 -4.91 14.88
C THR A 2 2.42 -5.64 13.80
N LYS A 3 1.79 -5.95 12.66
CA LYS A 3 2.48 -6.53 11.50
C LYS A 3 2.13 -5.80 10.20
N ALA A 4 3.14 -5.62 9.36
CA ALA A 4 2.96 -5.04 8.05
C ALA A 4 3.70 -5.90 7.01
N VAL A 5 3.35 -5.73 5.75
CA VAL A 5 4.01 -6.42 4.66
C VAL A 5 4.11 -5.48 3.46
N CYS A 6 5.17 -5.69 2.69
CA CYS A 6 5.40 -4.98 1.44
C CYS A 6 5.83 -5.91 0.30
N VAL A 7 5.19 -5.79 -0.86
CA VAL A 7 5.62 -6.55 -2.04
C VAL A 7 6.31 -5.58 -3.01
N LEU A 8 7.59 -5.85 -3.27
CA LEU A 8 8.41 -4.99 -4.13
C LEU A 8 8.33 -5.42 -5.57
N LYS A 9 8.01 -4.47 -6.43
CA LYS A 9 7.94 -4.68 -7.88
C LYS A 9 8.47 -3.45 -8.62
N GLY A 10 9.07 -3.67 -9.78
CA GLY A 10 9.53 -2.58 -10.60
C GLY A 10 9.40 -2.94 -12.05
N ASP A 11 10.08 -2.18 -12.90
CA ASP A 11 10.14 -2.40 -14.34
C ASP A 11 11.07 -3.53 -14.76
N GLY A 12 11.99 -3.93 -13.88
CA GLY A 12 12.94 -5.01 -14.18
C GLY A 12 12.73 -6.31 -13.41
N PRO A 13 13.79 -7.13 -13.29
CA PRO A 13 13.70 -8.45 -12.65
C PRO A 13 13.61 -8.41 -11.11
N VAL A 14 13.87 -7.24 -10.49
CA VAL A 14 13.94 -7.15 -9.03
C VAL A 14 12.58 -7.35 -8.36
N GLN A 15 12.49 -8.32 -7.45
CA GLN A 15 11.30 -8.54 -6.64
C GLN A 15 11.60 -9.04 -5.23
N GLY A 16 10.60 -9.01 -4.36
CA GLY A 16 10.77 -9.46 -2.98
C GLY A 16 9.61 -9.10 -2.10
N THR A 17 9.66 -9.62 -0.87
CA THR A 17 8.64 -9.43 0.16
C THR A 17 9.37 -8.99 1.41
N ILE A 18 8.88 -7.91 2.00
CA ILE A 18 9.40 -7.39 3.24
C ILE A 18 8.31 -7.46 4.29
N HIS A 19 8.67 -8.00 5.45
CA HIS A 19 7.81 -8.12 6.62
C HIS A 19 8.29 -7.15 7.67
N PHE A 20 7.34 -6.54 8.36
CA PHE A 20 7.59 -5.63 9.49
C PHE A 20 6.84 -6.14 10.72
N GLU A 21 7.48 -6.14 11.88
CA GLU A 21 6.77 -6.56 13.07
C GLU A 21 7.14 -5.69 14.26
N ALA A 22 6.12 -5.24 14.97
CA ALA A 22 6.34 -4.46 16.19
C ALA A 22 6.63 -5.46 17.30
N LYS A 23 7.85 -5.40 17.83
CA LYS A 23 8.34 -6.36 18.81
C LYS A 23 8.99 -5.56 19.90
N GLY A 24 8.47 -5.73 21.11
CA GLY A 24 8.88 -4.87 22.22
C GLY A 24 8.53 -3.42 21.91
N ASP A 25 9.56 -2.58 21.94
CA ASP A 25 9.42 -1.17 21.69
C ASP A 25 9.97 -0.81 20.31
N THR A 26 10.34 -1.82 19.52
CA THR A 26 10.99 -1.57 18.22
C THR A 26 10.30 -2.29 17.04
N VAL A 27 10.84 -2.09 15.84
CA VAL A 27 10.33 -2.70 14.62
C VAL A 27 11.39 -3.56 13.97
N VAL A 28 11.06 -4.82 13.75
CA VAL A 28 11.93 -5.79 13.14
C VAL A 28 11.53 -5.96 11.68
N VAL A 29 12.53 -5.83 10.83
CA VAL A 29 12.31 -5.88 9.38
C VAL A 29 13.02 -7.13 8.81
N THR A 30 12.22 -8.02 8.22
CA THR A 30 12.77 -9.22 7.60
C THR A 30 12.26 -9.36 6.17
N GLY A 31 12.80 -10.32 5.45
CA GLY A 31 12.31 -10.73 4.14
C GLY A 31 13.45 -10.96 3.19
N SER A 32 13.16 -10.96 1.89
CA SER A 32 14.21 -11.19 0.88
C SER A 32 13.90 -10.56 -0.47
N ILE A 33 14.97 -10.21 -1.18
CA ILE A 33 14.85 -9.51 -2.45
C ILE A 33 15.67 -10.32 -3.42
N THR A 34 15.16 -10.50 -4.63
CA THR A 34 15.84 -11.33 -5.60
C THR A 34 16.03 -10.54 -6.89
N GLY A 35 16.88 -11.05 -7.78
CA GLY A 35 17.09 -10.36 -9.06
C GLY A 35 17.97 -9.14 -9.00
N LEU A 36 18.65 -8.96 -7.86
CA LEU A 36 19.58 -7.85 -7.65
C LEU A 36 20.98 -8.08 -8.23
N THR A 37 21.73 -7.02 -8.47
CA THR A 37 23.16 -7.21 -8.72
C THR A 37 23.87 -7.44 -7.39
N GLU A 38 24.91 -8.26 -7.43
CA GLU A 38 25.74 -8.54 -6.26
C GLU A 38 26.21 -7.25 -5.58
N GLY A 39 26.18 -7.25 -4.25
CA GLY A 39 26.65 -6.10 -3.50
C GLY A 39 25.52 -5.31 -2.85
N ASP A 40 25.83 -4.08 -2.47
CA ASP A 40 24.92 -3.26 -1.67
C ASP A 40 23.90 -2.47 -2.48
N HIS A 41 22.69 -2.31 -1.92
CA HIS A 41 21.63 -1.51 -2.55
C HIS A 41 20.93 -0.71 -1.48
N GLY A 42 20.76 0.59 -1.69
CA GLY A 42 20.03 1.43 -0.73
C GLY A 42 18.64 0.90 -0.48
N PHE A 43 18.18 0.99 0.77
CA PHE A 43 16.92 0.40 1.20
C PHE A 43 16.21 1.41 2.09
N HIS A 44 15.17 2.06 1.57
CA HIS A 44 14.64 3.26 2.21
C HIS A 44 13.13 3.32 2.21
N VAL A 45 12.56 3.88 3.28
CA VAL A 45 11.14 4.21 3.28
C VAL A 45 10.95 5.58 2.64
N HIS A 46 10.29 5.59 1.49
CA HIS A 46 9.92 6.84 0.84
C HIS A 46 8.55 7.28 1.32
N GLN A 47 8.33 8.60 1.25
CA GLN A 47 7.26 9.30 1.92
C GLN A 47 5.81 8.89 1.53
N PHE A 48 5.55 8.80 0.22
CA PHE A 48 4.21 8.56 -0.31
C PHE A 48 3.96 7.12 -0.74
N GLY A 49 2.77 6.63 -0.38
CA GLY A 49 2.30 5.33 -0.79
C GLY A 49 1.62 5.49 -2.15
N ASP A 50 2.35 6.10 -3.08
CA ASP A 50 1.80 6.53 -4.36
C ASP A 50 2.60 5.89 -5.49
N ASN A 51 2.01 4.88 -6.13
CA ASN A 51 2.63 4.20 -7.24
C ASN A 51 2.03 4.63 -8.58
N THR A 52 1.37 5.79 -8.63
CA THR A 52 0.74 6.25 -9.90
C THR A 52 1.73 6.46 -11.04
N GLN A 53 2.96 6.87 -10.72
CA GLN A 53 4.03 6.91 -11.73
C GLN A 53 5.13 5.95 -11.35
N GLY A 54 4.80 4.68 -11.18
CA GLY A 54 5.73 3.72 -10.59
C GLY A 54 6.36 4.27 -9.30
N CYS A 55 7.61 3.90 -9.05
CA CYS A 55 8.31 4.26 -7.82
C CYS A 55 8.62 5.77 -7.65
N THR A 56 8.64 6.52 -8.75
CA THR A 56 8.94 7.97 -8.75
C THR A 56 7.97 8.76 -7.89
N SER A 57 6.69 8.40 -7.98
CA SER A 57 5.66 9.10 -7.25
C SER A 57 5.68 8.80 -5.72
N ALA A 58 6.60 7.96 -5.25
CA ALA A 58 6.76 7.76 -3.82
C ALA A 58 7.36 8.99 -3.12
N GLY A 59 7.89 9.93 -3.89
CA GLY A 59 8.50 11.13 -3.31
C GLY A 59 9.83 10.89 -2.61
N PRO A 60 10.25 11.82 -1.73
CA PRO A 60 11.59 11.70 -1.13
C PRO A 60 11.58 10.71 0.05
N HIS A 61 12.66 10.62 0.80
CA HIS A 61 12.62 9.82 2.03
C HIS A 61 11.68 10.36 3.09
N PHE A 62 10.99 9.45 3.75
CA PHE A 62 10.16 9.75 4.91
C PHE A 62 11.02 10.46 5.98
N ASN A 63 10.67 11.69 6.30
CA ASN A 63 11.55 12.56 7.06
C ASN A 63 10.78 13.57 7.96
N PRO A 64 9.95 13.07 8.89
CA PRO A 64 9.11 13.97 9.69
C PRO A 64 9.90 14.86 10.69
N LEU A 65 11.17 14.54 10.92
CA LEU A 65 12.05 15.38 11.77
C LEU A 65 12.92 16.35 10.99
N SER A 66 12.71 16.40 9.65
CA SER A 66 13.36 17.42 8.78
C SER A 66 14.88 17.43 8.89
N LYS A 67 15.46 16.23 8.87
CA LYS A 67 16.90 16.04 8.93
C LYS A 67 17.51 15.76 7.54
N LYS A 68 18.83 15.66 7.51
CA LYS A 68 19.59 15.27 6.32
C LYS A 68 19.75 13.77 6.26
N HIS A 69 20.03 13.26 5.06
CA HIS A 69 20.21 11.84 4.87
C HIS A 69 21.42 11.30 5.65
N GLY A 70 21.25 10.10 6.20
CA GLY A 70 22.36 9.41 6.89
C GLY A 70 22.24 7.89 6.84
N GLY A 71 23.12 7.18 7.56
CA GLY A 71 22.94 5.78 7.83
C GLY A 71 22.01 5.53 9.02
N PRO A 72 21.53 4.29 9.16
CA PRO A 72 20.55 3.97 10.19
C PRO A 72 21.11 4.08 11.60
N LYS A 73 22.44 3.94 11.75
CA LYS A 73 23.10 4.16 13.07
C LYS A 73 23.37 5.66 13.43
N ASP A 74 23.11 6.57 12.49
CA ASP A 74 23.44 7.98 12.65
C ASP A 74 22.32 8.76 13.33
N GLU A 75 22.69 9.82 14.06
CA GLU A 75 21.72 10.70 14.69
C GLU A 75 21.05 11.55 13.60
N GLU A 76 21.87 12.12 12.71
CA GLU A 76 21.39 12.87 11.56
C GLU A 76 21.08 11.88 10.43
N ARG A 77 19.81 11.47 10.37
CA ARG A 77 19.28 10.57 9.33
C ARG A 77 17.80 10.86 9.19
N HIS A 78 17.22 10.41 8.08
CA HIS A 78 15.77 10.45 7.87
C HIS A 78 15.23 9.23 8.58
N VAL A 79 13.96 9.27 8.98
CA VAL A 79 13.29 8.11 9.57
C VAL A 79 13.34 6.90 8.58
N GLY A 80 13.20 7.18 7.29
CA GLY A 80 13.22 6.15 6.28
C GLY A 80 14.58 5.60 5.89
N ASP A 81 15.64 5.99 6.58
CA ASP A 81 17.01 5.61 6.22
C ASP A 81 17.43 4.31 6.83
N LEU A 82 17.17 3.21 6.12
CA LEU A 82 17.42 1.89 6.66
C LEU A 82 18.73 1.31 6.10
N GLY A 83 19.57 2.20 5.52
CA GLY A 83 20.89 1.83 4.98
C GLY A 83 20.88 0.95 3.72
N ASN A 84 21.67 -0.12 3.76
CA ASN A 84 21.86 -1.07 2.65
C ASN A 84 21.41 -2.49 2.92
N VAL A 85 20.80 -3.10 1.92
CA VAL A 85 20.68 -4.53 1.87
C VAL A 85 21.81 -5.06 0.97
N THR A 86 22.18 -6.32 1.15
CA THR A 86 23.36 -6.87 0.45
C THR A 86 22.94 -8.08 -0.38
N ALA A 87 23.11 -8.03 -1.69
CA ALA A 87 22.80 -9.18 -2.51
C ALA A 87 24.05 -10.03 -2.67
N ASP A 88 23.86 -11.35 -2.62
CA ASP A 88 24.94 -12.32 -2.89
C ASP A 88 25.13 -12.50 -4.41
N LYS A 89 25.96 -13.46 -4.82
CA LYS A 89 26.31 -13.63 -6.24
C LYS A 89 25.12 -14.10 -7.09
N ASN A 90 24.15 -14.76 -6.45
CA ASN A 90 22.92 -15.20 -7.11
C ASN A 90 21.83 -14.12 -7.19
N GLY A 91 22.16 -12.90 -6.75
CA GLY A 91 21.23 -11.75 -6.75
C GLY A 91 20.22 -11.72 -5.59
N VAL A 92 20.51 -12.50 -4.55
CA VAL A 92 19.59 -12.65 -3.41
C VAL A 92 20.07 -11.86 -2.18
N ALA A 93 19.18 -11.00 -1.69
CA ALA A 93 19.44 -10.26 -0.46
C ALA A 93 18.51 -10.73 0.65
N ILE A 94 19.08 -11.12 1.79
CA ILE A 94 18.32 -11.46 3.00
C ILE A 94 18.19 -10.20 3.84
N VAL A 95 16.96 -9.81 4.16
CA VAL A 95 16.71 -8.56 4.89
C VAL A 95 16.59 -8.87 6.38
N ASP A 96 17.40 -8.18 7.18
CA ASP A 96 17.41 -8.34 8.64
C ASP A 96 17.83 -7.03 9.32
N ILE A 97 16.85 -6.21 9.63
CA ILE A 97 17.08 -4.88 10.19
C ILE A 97 16.18 -4.73 11.44
N VAL A 98 16.73 -4.19 12.51
CA VAL A 98 15.92 -3.68 13.61
C VAL A 98 16.13 -2.15 13.63
N ASP A 99 15.04 -1.39 13.73
CA ASP A 99 15.18 0.05 13.58
C ASP A 99 14.44 0.84 14.62
N PRO A 100 15.13 1.84 15.23
CA PRO A 100 14.57 2.66 16.31
C PRO A 100 13.72 3.86 15.90
N LEU A 101 13.73 4.24 14.61
CA LEU A 101 13.00 5.43 14.20
C LEU A 101 11.64 5.14 13.57
N ILE A 102 11.55 4.08 12.76
CA ILE A 102 10.27 3.71 12.12
C ILE A 102 9.30 3.18 13.18
N SER A 103 8.00 3.22 12.87
CA SER A 103 6.94 2.59 13.68
C SER A 103 5.84 2.00 12.79
N LEU A 104 4.88 1.32 13.42
CA LEU A 104 3.71 0.83 12.69
C LEU A 104 2.39 1.50 13.15
N SER A 105 2.50 2.53 14.01
CA SER A 105 1.39 3.44 14.31
C SER A 105 1.85 4.75 14.88
N GLY A 106 1.07 5.80 14.59
CA GLY A 106 1.34 7.13 15.14
C GLY A 106 2.25 7.90 14.22
N GLU A 107 2.94 8.91 14.77
CA GLU A 107 3.71 9.85 13.98
C GLU A 107 4.74 9.17 13.06
N TYR A 108 5.41 8.16 13.59
CA TYR A 108 6.49 7.55 12.83
C TYR A 108 6.05 6.40 11.93
N SER A 109 4.74 6.19 11.78
CA SER A 109 4.24 5.04 11.02
C SER A 109 4.64 5.08 9.54
N ILE A 110 5.07 3.91 9.08
CA ILE A 110 5.46 3.71 7.69
C ILE A 110 4.37 2.95 6.94
N ILE A 111 3.29 2.59 7.64
CA ILE A 111 2.10 2.00 6.97
C ILE A 111 1.54 3.01 5.95
N GLY A 112 1.28 2.56 4.72
CA GLY A 112 0.78 3.46 3.67
C GLY A 112 1.87 4.28 2.97
N ARG A 113 3.13 3.98 3.30
CA ARG A 113 4.27 4.65 2.64
C ARG A 113 4.92 3.61 1.72
N THR A 114 6.08 3.92 1.16
CA THR A 114 6.70 3.06 0.13
C THR A 114 8.09 2.57 0.57
N MET A 115 8.31 1.26 0.49
CA MET A 115 9.64 0.64 0.61
C MET A 115 10.27 0.61 -0.80
N VAL A 116 11.50 1.14 -0.91
CA VAL A 116 12.24 1.19 -2.19
C VAL A 116 13.60 0.48 -2.03
N VAL A 117 13.94 -0.35 -3.00
CA VAL A 117 15.29 -0.90 -3.13
C VAL A 117 15.95 -0.17 -4.29
N HIS A 118 17.17 0.29 -4.08
CA HIS A 118 17.82 1.16 -5.07
C HIS A 118 18.85 0.43 -5.94
N GLU A 119 19.28 1.06 -7.03
CA GLU A 119 20.25 0.49 -7.95
C GLU A 119 21.62 0.36 -7.30
N LYS A 120 22.01 1.37 -6.53
CA LYS A 120 23.37 1.48 -6.00
C LYS A 120 23.46 1.51 -4.48
N PRO A 121 24.67 1.26 -3.92
CA PRO A 121 24.81 1.35 -2.47
C PRO A 121 24.48 2.74 -1.98
N ASP A 122 23.98 2.78 -0.75
CA ASP A 122 23.74 4.01 -0.03
C ASP A 122 25.09 4.40 0.61
N ASP A 123 25.57 5.61 0.34
CA ASP A 123 26.84 6.09 0.96
C ASP A 123 26.68 6.66 2.40
N LEU A 124 25.49 6.47 2.97
CA LEU A 124 25.17 6.88 4.35
C LEU A 124 25.39 8.38 4.61
N GLY A 125 25.19 9.21 3.57
CA GLY A 125 25.25 10.67 3.69
C GLY A 125 26.65 11.28 3.77
N ARG A 126 27.65 10.45 3.45
CA ARG A 126 29.08 10.78 3.63
C ARG A 126 29.83 10.89 2.30
N GLY A 127 29.09 10.97 1.19
CA GLY A 127 29.68 11.02 -0.15
C GLY A 127 30.33 12.37 -0.48
N GLY A 128 29.83 13.46 0.12
CA GLY A 128 30.46 14.77 -0.01
C GLY A 128 29.92 15.66 -1.14
N ASN A 129 28.87 15.19 -1.81
CA ASN A 129 28.12 16.05 -2.72
C ASN A 129 26.74 16.37 -2.11
N GLU A 130 25.94 17.21 -2.77
CA GLU A 130 24.64 17.51 -2.20
C GLU A 130 23.73 16.27 -2.24
N GLU A 131 23.84 15.47 -3.30
CA GLU A 131 22.99 14.31 -3.46
C GLU A 131 23.13 13.36 -2.28
N SER A 132 24.35 13.21 -1.76
CA SER A 132 24.59 12.35 -0.63
C SER A 132 23.71 12.69 0.58
N THR A 133 23.51 14.00 0.81
CA THR A 133 22.68 14.53 1.92
C THR A 133 21.15 14.34 1.66
N LYS A 134 20.80 13.81 0.50
CA LYS A 134 19.38 13.60 0.17
C LYS A 134 19.05 12.09 0.07
N THR A 135 19.93 11.32 -0.59
CA THR A 135 19.62 9.95 -1.03
C THR A 135 20.77 8.97 -0.86
N GLY A 136 21.93 9.47 -0.43
CA GLY A 136 23.16 8.68 -0.32
C GLY A 136 23.75 8.23 -1.64
N ASN A 137 23.35 8.90 -2.72
CA ASN A 137 23.76 8.57 -4.08
C ASN A 137 23.30 7.14 -4.47
N ALA A 138 22.22 6.68 -3.81
CA ALA A 138 21.65 5.35 -4.04
C ALA A 138 21.07 5.14 -5.47
N GLY A 139 20.84 6.24 -6.17
CA GLY A 139 20.35 6.25 -7.56
C GLY A 139 18.91 5.78 -7.73
N SER A 140 18.68 5.08 -8.84
CA SER A 140 17.34 4.81 -9.31
C SER A 140 16.65 3.80 -8.40
N ARG A 141 15.35 3.72 -8.57
CA ARG A 141 14.48 2.90 -7.77
C ARG A 141 14.19 1.63 -8.56
N LEU A 142 14.90 0.55 -8.25
CA LEU A 142 14.69 -0.72 -8.94
C LEU A 142 13.31 -1.35 -8.75
N ALA A 143 12.79 -1.23 -7.53
CA ALA A 143 11.56 -1.88 -7.17
C ALA A 143 11.01 -1.23 -5.89
N CYS A 144 9.69 -1.26 -5.74
CA CYS A 144 9.03 -0.62 -4.59
C CYS A 144 7.63 -1.21 -4.38
N GLY A 145 7.03 -0.92 -3.24
CA GLY A 145 5.64 -1.27 -2.99
C GLY A 145 5.12 -0.45 -1.84
N VAL A 146 3.79 -0.37 -1.73
CA VAL A 146 3.15 0.29 -0.60
C VAL A 146 3.13 -0.66 0.62
N ILE A 147 3.48 -0.10 1.78
CA ILE A 147 3.47 -0.86 3.04
C ILE A 147 2.03 -1.00 3.55
N GLY A 148 1.60 -2.25 3.67
CA GLY A 148 0.23 -2.53 4.04
C GLY A 148 0.11 -3.25 5.38
N ILE A 149 -1.04 -3.12 6.03
CA ILE A 149 -1.32 -3.87 7.26
C ILE A 149 -1.40 -5.38 6.94
N ALA A 150 -0.67 -6.19 7.71
CA ALA A 150 -0.63 -7.65 7.52
C ALA A 150 -1.36 -8.40 8.65
N LYS A 151 -1.83 -9.60 8.36
CA LYS A 151 -2.52 -10.42 9.35
C LYS A 151 -1.58 -10.94 10.44
N ALA B 1 -3.16 11.76 7.85
CA ALA B 1 -3.30 11.95 6.36
C ALA B 1 -4.72 12.41 6.00
N THR B 2 -4.79 13.44 5.15
CA THR B 2 -6.05 13.91 4.61
C THR B 2 -6.21 13.47 3.15
N LYS B 3 -5.15 12.88 2.58
CA LYS B 3 -5.15 12.40 1.18
C LYS B 3 -4.52 11.03 1.05
N ALA B 4 -5.13 10.19 0.21
CA ALA B 4 -4.66 8.83 -0.02
C ALA B 4 -4.89 8.45 -1.49
N VAL B 5 -4.21 7.41 -1.93
CA VAL B 5 -4.27 6.95 -3.33
C VAL B 5 -4.09 5.43 -3.41
N CYS B 6 -4.67 4.84 -4.44
CA CYS B 6 -4.57 3.41 -4.66
C CYS B 6 -4.46 3.17 -6.16
N VAL B 7 -3.46 2.38 -6.56
CA VAL B 7 -3.38 1.93 -7.96
C VAL B 7 -3.89 0.49 -8.00
N LEU B 8 -4.96 0.29 -8.76
CA LEU B 8 -5.56 -1.02 -8.89
C LEU B 8 -4.88 -1.75 -10.03
N LYS B 9 -4.35 -2.94 -9.72
CA LYS B 9 -3.79 -3.86 -10.70
C LYS B 9 -4.27 -5.29 -10.43
N GLY B 10 -4.35 -6.08 -11.50
CA GLY B 10 -4.72 -7.50 -11.40
C GLY B 10 -3.96 -8.35 -12.40
N ASP B 11 -4.42 -9.59 -12.59
CA ASP B 11 -3.73 -10.50 -13.49
C ASP B 11 -4.28 -10.38 -14.90
N GLY B 12 -5.43 -9.73 -15.04
CA GLY B 12 -5.96 -9.39 -16.36
C GLY B 12 -5.78 -7.92 -16.72
N PRO B 13 -6.65 -7.41 -17.63
CA PRO B 13 -6.55 -6.05 -18.17
C PRO B 13 -7.16 -4.93 -17.28
N VAL B 14 -7.83 -5.29 -16.20
CA VAL B 14 -8.44 -4.30 -15.31
C VAL B 14 -7.40 -3.55 -14.48
N GLN B 15 -7.50 -2.23 -14.55
CA GLN B 15 -6.60 -1.34 -13.83
C GLN B 15 -7.31 -0.03 -13.59
N GLY B 16 -6.74 0.77 -12.70
CA GLY B 16 -7.28 2.09 -12.44
C GLY B 16 -6.57 2.79 -11.30
N THR B 17 -6.95 4.02 -11.06
CA THR B 17 -6.46 4.73 -9.90
C THR B 17 -7.57 5.39 -9.10
N ILE B 18 -7.51 5.17 -7.79
CA ILE B 18 -8.48 5.69 -6.85
C ILE B 18 -7.84 6.72 -5.91
N HIS B 19 -8.51 7.86 -5.74
CA HIS B 19 -8.09 8.96 -4.86
C HIS B 19 -9.05 9.07 -3.69
N PHE B 20 -8.54 9.49 -2.52
CA PHE B 20 -9.30 9.51 -1.28
C PHE B 20 -8.95 10.85 -0.68
N GLU B 21 -9.96 11.55 -0.17
CA GLU B 21 -9.74 12.83 0.47
C GLU B 21 -10.69 13.01 1.63
N ALA B 22 -10.13 13.33 2.79
CA ALA B 22 -10.91 13.59 3.99
C ALA B 22 -11.65 14.92 3.80
N LYS B 23 -12.97 14.91 3.94
CA LYS B 23 -13.77 16.14 3.89
C LYS B 23 -14.86 16.09 4.98
N GLY B 24 -14.81 17.02 5.94
CA GLY B 24 -15.65 16.96 7.16
C GLY B 24 -15.43 15.61 7.82
N ASP B 25 -16.53 14.92 8.14
CA ASP B 25 -16.42 13.56 8.73
C ASP B 25 -16.63 12.46 7.68
N THR B 26 -16.24 12.75 6.44
CA THR B 26 -16.40 11.81 5.34
C THR B 26 -15.07 11.56 4.64
N VAL B 27 -15.04 10.53 3.82
CA VAL B 27 -13.98 10.36 2.83
C VAL B 27 -14.62 10.38 1.45
N VAL B 28 -14.04 11.20 0.58
CA VAL B 28 -14.53 11.41 -0.78
C VAL B 28 -13.62 10.60 -1.69
N VAL B 29 -14.21 9.62 -2.39
CA VAL B 29 -13.51 8.58 -3.14
C VAL B 29 -13.79 8.81 -4.63
N THR B 30 -12.74 9.01 -5.40
CA THR B 30 -12.88 9.41 -6.79
C THR B 30 -11.87 8.62 -7.58
N GLY B 31 -11.96 8.68 -8.90
CA GLY B 31 -10.97 8.02 -9.73
C GLY B 31 -11.64 7.34 -10.89
N SER B 32 -10.90 6.45 -11.55
CA SER B 32 -11.44 5.71 -12.68
C SER B 32 -10.80 4.34 -12.84
N ILE B 33 -11.56 3.43 -13.45
CA ILE B 33 -11.22 2.02 -13.62
C ILE B 33 -11.55 1.65 -15.08
N THR B 34 -10.57 1.08 -15.76
CA THR B 34 -10.74 0.67 -17.14
C THR B 34 -10.66 -0.85 -17.30
N GLY B 35 -11.13 -1.32 -18.46
CA GLY B 35 -11.00 -2.71 -18.84
C GLY B 35 -12.09 -3.61 -18.29
N LEU B 36 -13.14 -2.97 -17.76
CA LEU B 36 -14.24 -3.68 -17.11
C LEU B 36 -15.35 -4.07 -18.09
N THR B 37 -16.06 -5.15 -17.81
CA THR B 37 -17.26 -5.46 -18.57
C THR B 37 -18.34 -4.44 -18.14
N GLU B 38 -19.20 -4.05 -19.08
CA GLU B 38 -20.23 -3.08 -18.83
C GLU B 38 -21.07 -3.49 -17.63
N GLY B 39 -21.50 -2.52 -16.83
CA GLY B 39 -22.41 -2.82 -15.74
C GLY B 39 -21.76 -2.61 -14.38
N ASP B 40 -22.41 -3.08 -13.32
CA ASP B 40 -21.97 -2.86 -11.93
C ASP B 40 -20.88 -3.84 -11.51
N HIS B 41 -19.99 -3.36 -10.64
CA HIS B 41 -18.92 -4.17 -10.10
C HIS B 41 -18.77 -3.81 -8.63
N GLY B 42 -18.80 -4.84 -7.78
CA GLY B 42 -18.57 -4.66 -6.33
C GLY B 42 -17.24 -3.94 -6.13
N PHE B 43 -17.20 -3.05 -5.13
CA PHE B 43 -16.07 -2.10 -4.86
C PHE B 43 -15.94 -1.99 -3.34
N HIS B 44 -14.91 -2.64 -2.79
CA HIS B 44 -14.82 -2.84 -1.33
C HIS B 44 -13.41 -2.64 -0.84
N VAL B 45 -13.32 -2.09 0.38
CA VAL B 45 -12.06 -2.10 1.12
C VAL B 45 -11.93 -3.49 1.80
N HIS B 46 -10.86 -4.19 1.46
CA HIS B 46 -10.54 -5.45 2.10
C HIS B 46 -9.52 -5.21 3.22
N GLN B 47 -9.44 -6.17 4.13
CA GLN B 47 -8.83 -5.95 5.45
C GLN B 47 -7.32 -5.66 5.46
N PHE B 48 -6.58 -6.38 4.62
CA PHE B 48 -5.12 -6.38 4.67
C PHE B 48 -4.51 -5.82 3.38
N GLY B 49 -3.47 -5.00 3.56
CA GLY B 49 -2.66 -4.51 2.43
C GLY B 49 -1.57 -5.54 2.13
N ASP B 50 -2.01 -6.77 1.92
CA ASP B 50 -1.13 -7.89 1.69
C ASP B 50 -1.36 -8.38 0.25
N ASN B 51 -0.41 -8.12 -0.62
CA ASN B 51 -0.51 -8.63 -1.98
C ASN B 51 0.47 -9.78 -2.31
N THR B 52 0.96 -10.48 -1.30
CA THR B 52 1.94 -11.53 -1.51
C THR B 52 1.44 -12.68 -2.41
N GLN B 53 0.14 -13.03 -2.30
CA GLN B 53 -0.48 -13.98 -3.24
C GLN B 53 -1.58 -13.30 -4.07
N GLY B 54 -1.31 -12.06 -4.44
CA GLY B 54 -2.28 -11.29 -5.25
C GLY B 54 -3.44 -10.79 -4.38
N CYS B 55 -4.57 -10.47 -5.00
CA CYS B 55 -5.71 -9.88 -4.30
C CYS B 55 -6.29 -10.77 -3.22
N THR B 56 -6.14 -12.09 -3.39
CA THR B 56 -6.65 -13.09 -2.45
C THR B 56 -6.06 -12.87 -1.05
N SER B 57 -4.80 -12.46 -0.97
CA SER B 57 -4.23 -12.27 0.36
C SER B 57 -4.66 -11.00 1.11
N ALA B 58 -5.52 -10.19 0.48
CA ALA B 58 -6.12 -9.04 1.16
C ALA B 58 -7.16 -9.46 2.22
N GLY B 59 -7.58 -10.73 2.19
CA GLY B 59 -8.51 -11.23 3.19
C GLY B 59 -9.92 -10.71 2.92
N PRO B 60 -10.79 -10.72 3.95
CA PRO B 60 -12.19 -10.35 3.77
C PRO B 60 -12.39 -8.83 3.79
N HIS B 61 -13.66 -8.38 3.73
CA HIS B 61 -13.98 -6.99 3.90
C HIS B 61 -13.52 -6.47 5.24
N PHE B 62 -12.92 -5.28 5.21
CA PHE B 62 -12.56 -4.60 6.44
C PHE B 62 -13.83 -4.42 7.28
N ASN B 63 -13.81 -4.96 8.50
CA ASN B 63 -15.03 -5.17 9.29
C ASN B 63 -14.78 -5.04 10.81
N PRO B 64 -14.29 -3.86 11.27
CA PRO B 64 -13.93 -3.81 12.68
C PRO B 64 -15.14 -3.80 13.65
N LEU B 65 -16.34 -3.58 13.13
CA LEU B 65 -17.57 -3.64 13.94
C LEU B 65 -18.25 -5.03 13.89
N SER B 66 -17.60 -5.99 13.23
CA SER B 66 -18.11 -7.37 13.21
C SER B 66 -19.58 -7.42 12.82
N LYS B 67 -19.89 -6.85 11.66
CA LYS B 67 -21.23 -6.93 11.11
C LYS B 67 -21.30 -7.79 9.86
N LYS B 68 -22.52 -7.99 9.33
CA LYS B 68 -22.68 -8.65 8.04
C LYS B 68 -22.55 -7.65 6.90
N HIS B 69 -22.45 -8.17 5.69
CA HIS B 69 -22.27 -7.38 4.49
C HIS B 69 -23.57 -6.66 4.15
N GLY B 70 -23.47 -5.42 3.73
CA GLY B 70 -24.61 -4.69 3.14
C GLY B 70 -24.15 -3.64 2.12
N GLY B 71 -25.06 -2.76 1.71
CA GLY B 71 -24.73 -1.59 0.89
C GLY B 71 -24.23 -0.45 1.76
N PRO B 72 -23.53 0.54 1.14
CA PRO B 72 -22.96 1.66 1.89
C PRO B 72 -24.02 2.46 2.65
N LYS B 73 -25.26 2.43 2.15
CA LYS B 73 -26.36 3.13 2.80
C LYS B 73 -26.97 2.37 4.00
N ASP B 74 -26.60 1.10 4.16
CA ASP B 74 -27.17 0.21 5.21
C ASP B 74 -26.50 0.36 6.56
N GLU B 75 -27.28 0.21 7.62
CA GLU B 75 -26.75 0.26 8.98
C GLU B 75 -25.87 -0.97 9.24
N GLU B 76 -26.40 -2.13 8.88
CA GLU B 76 -25.68 -3.40 8.85
C GLU B 76 -24.82 -3.48 7.60
N ARG B 77 -23.54 -3.19 7.78
CA ARG B 77 -22.60 -3.22 6.69
C ARG B 77 -21.24 -3.35 7.31
N HIS B 78 -20.29 -3.79 6.49
CA HIS B 78 -18.89 -3.74 6.81
C HIS B 78 -18.39 -2.32 6.53
N VAL B 79 -17.40 -1.86 7.28
CA VAL B 79 -16.78 -0.55 6.99
C VAL B 79 -16.32 -0.50 5.51
N GLY B 80 -15.75 -1.59 5.00
CA GLY B 80 -15.25 -1.69 3.63
C GLY B 80 -16.30 -1.78 2.53
N ASP B 81 -17.58 -1.71 2.88
CA ASP B 81 -18.68 -1.86 1.91
C ASP B 81 -19.02 -0.55 1.18
N LEU B 82 -18.44 -0.34 0.00
CA LEU B 82 -18.67 0.88 -0.78
C LEU B 82 -19.60 0.68 -1.97
N GLY B 83 -20.27 -0.47 -2.04
CA GLY B 83 -21.32 -0.67 -3.02
C GLY B 83 -20.78 -1.06 -4.38
N ASN B 84 -21.31 -0.42 -5.41
CA ASN B 84 -20.98 -0.74 -6.80
C ASN B 84 -20.42 0.48 -7.51
N VAL B 85 -19.41 0.26 -8.34
CA VAL B 85 -19.02 1.21 -9.37
C VAL B 85 -19.59 0.69 -10.70
N THR B 86 -19.86 1.61 -11.63
CA THR B 86 -20.55 1.31 -12.87
C THR B 86 -19.71 1.59 -14.12
N ALA B 87 -19.40 0.52 -14.85
CA ALA B 87 -18.68 0.63 -16.11
C ALA B 87 -19.65 0.83 -17.26
N ASP B 88 -19.26 1.73 -18.17
CA ASP B 88 -20.01 1.99 -19.42
C ASP B 88 -19.64 0.97 -20.51
N LYS B 89 -20.17 1.17 -21.73
CA LYS B 89 -19.89 0.27 -22.85
C LYS B 89 -18.43 0.22 -23.26
N ASN B 90 -17.67 1.24 -22.89
CA ASN B 90 -16.27 1.31 -23.23
C ASN B 90 -15.40 0.64 -22.17
N GLY B 91 -16.03 0.10 -21.12
CA GLY B 91 -15.30 -0.60 -20.04
C GLY B 91 -14.78 0.30 -18.93
N VAL B 92 -15.24 1.54 -18.95
CA VAL B 92 -14.71 2.58 -18.07
C VAL B 92 -15.72 2.88 -16.95
N ALA B 93 -15.26 2.84 -15.71
CA ALA B 93 -16.08 3.34 -14.60
C ALA B 93 -15.43 4.56 -13.93
N ILE B 94 -16.20 5.63 -13.80
CA ILE B 94 -15.79 6.83 -13.04
C ILE B 94 -16.30 6.63 -11.62
N VAL B 95 -15.39 6.76 -10.66
CA VAL B 95 -15.71 6.53 -9.26
C VAL B 95 -15.99 7.88 -8.58
N ASP B 96 -17.16 7.99 -7.94
CA ASP B 96 -17.54 9.19 -7.20
C ASP B 96 -18.41 8.74 -6.04
N ILE B 97 -17.76 8.52 -4.89
CA ILE B 97 -18.39 8.01 -3.67
C ILE B 97 -18.07 8.96 -2.54
N VAL B 98 -19.04 9.21 -1.66
CA VAL B 98 -18.79 9.94 -0.44
C VAL B 98 -19.25 9.04 0.68
N ASP B 99 -18.35 8.68 1.61
CA ASP B 99 -18.69 7.74 2.69
C ASP B 99 -18.28 8.26 4.09
N PRO B 100 -19.21 8.15 5.06
CA PRO B 100 -18.98 8.59 6.45
C PRO B 100 -18.25 7.55 7.32
N LEU B 101 -18.28 6.27 6.95
CA LEU B 101 -17.78 5.19 7.82
C LEU B 101 -16.28 4.93 7.63
N ILE B 102 -15.84 4.79 6.38
CA ILE B 102 -14.37 4.71 6.13
C ILE B 102 -13.71 6.01 6.63
N SER B 103 -12.41 5.95 6.88
CA SER B 103 -11.66 7.08 7.42
C SER B 103 -10.25 6.93 6.86
N LEU B 104 -9.49 8.03 6.84
CA LEU B 104 -8.07 7.96 6.48
C LEU B 104 -7.17 8.12 7.74
N SER B 105 -7.80 8.14 8.92
CA SER B 105 -7.07 8.18 10.20
C SER B 105 -7.91 7.60 11.34
N GLY B 106 -7.24 7.17 12.39
CA GLY B 106 -7.95 6.61 13.53
C GLY B 106 -8.42 5.18 13.28
N GLU B 107 -9.35 4.73 14.10
CA GLU B 107 -9.80 3.33 14.18
C GLU B 107 -10.36 2.72 12.88
N TYR B 108 -11.11 3.50 12.11
CA TYR B 108 -11.68 2.97 10.85
C TYR B 108 -10.81 3.33 9.63
N SER B 109 -9.55 3.71 9.88
CA SER B 109 -8.67 4.11 8.79
C SER B 109 -8.46 2.99 7.78
N ILE B 110 -8.45 3.35 6.49
CA ILE B 110 -8.22 2.37 5.45
C ILE B 110 -6.81 2.47 4.86
N ILE B 111 -5.97 3.36 5.40
CA ILE B 111 -4.58 3.49 4.98
C ILE B 111 -3.86 2.17 5.32
N GLY B 112 -3.21 1.58 4.34
CA GLY B 112 -2.50 0.33 4.54
C GLY B 112 -3.38 -0.89 4.28
N ARG B 113 -4.63 -0.65 3.91
CA ARG B 113 -5.54 -1.73 3.55
C ARG B 113 -5.63 -1.81 2.02
N THR B 114 -6.57 -2.63 1.52
CA THR B 114 -6.66 -2.91 0.08
C THR B 114 -8.02 -2.54 -0.54
N MET B 115 -7.97 -1.75 -1.61
CA MET B 115 -9.15 -1.47 -2.45
C MET B 115 -9.26 -2.56 -3.52
N VAL B 116 -10.45 -3.13 -3.66
CA VAL B 116 -10.72 -4.25 -4.61
C VAL B 116 -11.93 -3.92 -5.49
N VAL B 117 -11.78 -4.13 -6.80
CA VAL B 117 -12.91 -4.07 -7.72
C VAL B 117 -13.26 -5.50 -8.14
N HIS B 118 -14.55 -5.82 -8.14
CA HIS B 118 -15.01 -7.20 -8.29
C HIS B 118 -15.58 -7.57 -9.67
N GLU B 119 -15.58 -8.87 -9.93
CA GLU B 119 -16.11 -9.50 -11.14
C GLU B 119 -17.58 -9.12 -11.43
N LYS B 120 -18.40 -9.20 -10.40
CA LYS B 120 -19.86 -9.13 -10.51
C LYS B 120 -20.41 -7.96 -9.70
N PRO B 121 -21.70 -7.60 -9.91
CA PRO B 121 -22.30 -6.63 -8.99
C PRO B 121 -22.41 -7.10 -7.56
N ASP B 122 -22.32 -6.15 -6.66
CA ASP B 122 -22.56 -6.38 -5.26
C ASP B 122 -24.10 -6.29 -5.06
N ASP B 123 -24.71 -7.39 -4.62
CA ASP B 123 -26.15 -7.44 -4.35
C ASP B 123 -26.58 -6.74 -3.05
N LEU B 124 -25.62 -6.11 -2.37
CA LEU B 124 -25.84 -5.25 -1.20
C LEU B 124 -26.43 -5.99 0.00
N GLY B 125 -26.17 -7.29 0.09
CA GLY B 125 -26.70 -8.12 1.16
C GLY B 125 -28.12 -8.64 0.98
N ARG B 126 -28.74 -8.32 -0.16
CA ARG B 126 -30.16 -8.60 -0.38
C ARG B 126 -30.36 -9.76 -1.36
N GLY B 127 -29.40 -10.68 -1.42
CA GLY B 127 -29.42 -11.75 -2.41
C GLY B 127 -30.16 -13.01 -1.97
N GLY B 128 -30.53 -13.10 -0.70
CA GLY B 128 -31.28 -14.27 -0.17
C GLY B 128 -30.48 -15.54 0.07
N ASN B 129 -29.17 -15.42 0.19
CA ASN B 129 -28.32 -16.54 0.46
C ASN B 129 -27.17 -16.13 1.38
N GLU B 130 -26.44 -17.15 1.88
CA GLU B 130 -25.40 -16.91 2.87
C GLU B 130 -24.29 -16.01 2.31
N GLU B 131 -23.89 -16.28 1.06
CA GLU B 131 -22.82 -15.52 0.39
C GLU B 131 -23.10 -14.03 0.28
N SER B 132 -24.36 -13.71 -0.02
CA SER B 132 -24.84 -12.34 -0.08
C SER B 132 -24.53 -11.55 1.17
N THR B 133 -24.70 -12.20 2.34
CA THR B 133 -24.39 -11.65 3.66
C THR B 133 -22.89 -11.57 3.99
N LYS B 134 -22.05 -12.08 3.09
CA LYS B 134 -20.60 -12.05 3.32
C LYS B 134 -19.86 -11.12 2.34
N THR B 135 -20.16 -11.27 1.05
CA THR B 135 -19.43 -10.56 -0.04
C THR B 135 -20.34 -9.81 -1.03
N GLY B 136 -21.66 -10.00 -0.87
CA GLY B 136 -22.67 -9.46 -1.78
C GLY B 136 -22.68 -10.20 -3.09
N ASN B 137 -22.18 -11.44 -3.09
CA ASN B 137 -22.02 -12.22 -4.31
C ASN B 137 -21.25 -11.48 -5.41
N ALA B 138 -20.26 -10.67 -5.04
CA ALA B 138 -19.54 -9.88 -6.02
C ALA B 138 -18.48 -10.70 -6.79
N GLY B 139 -18.27 -11.96 -6.37
CA GLY B 139 -17.32 -12.87 -7.03
C GLY B 139 -15.85 -12.45 -7.00
N SER B 140 -15.12 -12.73 -8.08
CA SER B 140 -13.66 -12.76 -8.05
C SER B 140 -13.07 -11.37 -7.95
N ARG B 141 -11.78 -11.28 -7.63
CA ARG B 141 -11.14 -9.97 -7.45
C ARG B 141 -10.39 -9.64 -8.72
N LEU B 142 -10.92 -8.71 -9.52
CA LEU B 142 -10.33 -8.36 -10.82
C LEU B 142 -9.03 -7.57 -10.68
N ALA B 143 -8.98 -6.67 -9.71
CA ALA B 143 -7.82 -5.80 -9.51
C ALA B 143 -7.90 -5.21 -8.13
N CYS B 144 -6.72 -4.89 -7.61
CA CYS B 144 -6.61 -4.40 -6.24
C CYS B 144 -5.31 -3.63 -6.09
N GLY B 145 -5.17 -2.92 -4.97
CA GLY B 145 -3.96 -2.15 -4.67
C GLY B 145 -3.99 -1.83 -3.20
N VAL B 146 -2.82 -1.61 -2.61
CA VAL B 146 -2.73 -1.16 -1.21
C VAL B 146 -3.02 0.34 -1.18
N ILE B 147 -3.82 0.80 -0.22
CA ILE B 147 -4.15 2.22 -0.01
C ILE B 147 -3.01 2.96 0.70
N GLY B 148 -2.51 3.99 0.01
CA GLY B 148 -1.32 4.72 0.46
C GLY B 148 -1.52 6.20 0.75
N ILE B 149 -0.65 6.74 1.61
CA ILE B 149 -0.67 8.19 1.92
C ILE B 149 -0.23 8.94 0.66
N ALA B 150 -1.01 9.93 0.23
CA ALA B 150 -0.72 10.71 -0.96
C ALA B 150 -0.32 12.13 -0.56
N LYS B 151 0.45 12.77 -1.41
CA LYS B 151 0.81 14.18 -1.21
C LYS B 151 -0.42 15.05 -1.36
#